data_7K3X
# 
_entry.id   7K3X 
# 
_audit_conform.dict_name       mmcif_pdbx.dic 
_audit_conform.dict_version    5.389 
_audit_conform.dict_location   http://mmcif.pdb.org/dictionaries/ascii/mmcif_pdbx.dic 
# 
loop_
_database_2.database_id 
_database_2.database_code 
_database_2.pdbx_database_accession 
_database_2.pdbx_DOI 
PDB   7K3X         pdb_00007k3x 10.2210/pdb7k3x/pdb 
WWPDB D_1000251833 ?            ?                   
# 
loop_
_pdbx_audit_revision_history.ordinal 
_pdbx_audit_revision_history.data_content_type 
_pdbx_audit_revision_history.major_revision 
_pdbx_audit_revision_history.minor_revision 
_pdbx_audit_revision_history.revision_date 
1 'Structure model' 1 0 2021-11-10 
2 'Structure model' 1 1 2022-06-01 
3 'Structure model' 1 2 2022-06-15 
4 'Structure model' 1 3 2022-07-06 
5 'Structure model' 1 4 2024-04-03 
# 
_pdbx_audit_revision_details.ordinal             1 
_pdbx_audit_revision_details.revision_ordinal    1 
_pdbx_audit_revision_details.data_content_type   'Structure model' 
_pdbx_audit_revision_details.provider            repository 
_pdbx_audit_revision_details.type                'Initial release' 
_pdbx_audit_revision_details.description         ? 
_pdbx_audit_revision_details.details             ? 
# 
loop_
_pdbx_audit_revision_group.ordinal 
_pdbx_audit_revision_group.revision_ordinal 
_pdbx_audit_revision_group.data_content_type 
_pdbx_audit_revision_group.group 
1 2 'Structure model' 'Database references'    
2 3 'Structure model' 'Database references'    
3 4 'Structure model' 'Database references'    
4 4 'Structure model' 'Derived calculations'   
5 5 'Structure model' 'Data collection'        
6 5 'Structure model' 'Refinement description' 
# 
loop_
_pdbx_audit_revision_category.ordinal 
_pdbx_audit_revision_category.revision_ordinal 
_pdbx_audit_revision_category.data_content_type 
_pdbx_audit_revision_category.category 
1 2 'Structure model' citation                      
2 2 'Structure model' citation_author               
3 3 'Structure model' citation                      
4 3 'Structure model' citation_author               
5 4 'Structure model' atom_type                     
6 4 'Structure model' citation                      
7 5 'Structure model' chem_comp_atom                
8 5 'Structure model' chem_comp_bond                
9 5 'Structure model' pdbx_initial_refinement_model 
# 
loop_
_pdbx_audit_revision_item.ordinal 
_pdbx_audit_revision_item.revision_ordinal 
_pdbx_audit_revision_item.data_content_type 
_pdbx_audit_revision_item.item 
1  2 'Structure model' '_citation.country'                 
2  2 'Structure model' '_citation.journal_abbrev'          
3  2 'Structure model' '_citation.journal_id_CSD'          
4  2 'Structure model' '_citation.journal_id_ISSN'         
5  2 'Structure model' '_citation.pdbx_database_id_DOI'    
6  2 'Structure model' '_citation.year'                    
7  3 'Structure model' '_citation.pdbx_database_id_PubMed' 
8  3 'Structure model' '_citation.title'                   
9  3 'Structure model' '_citation_author.identifier_ORCID' 
10 3 'Structure model' '_citation_author.name'             
11 4 'Structure model' '_atom_type.pdbx_N_electrons'       
12 4 'Structure model' '_atom_type.pdbx_scat_Z'            
13 4 'Structure model' '_citation.journal_volume'          
14 4 'Structure model' '_citation.page_first'              
15 4 'Structure model' '_citation.page_last'               
# 
_pdbx_database_status.status_code                     REL 
_pdbx_database_status.status_code_sf                  REL 
_pdbx_database_status.status_code_mr                  ? 
_pdbx_database_status.entry_id                        7K3X 
_pdbx_database_status.recvd_initial_deposition_date   2020-09-14 
_pdbx_database_status.SG_entry                        N 
_pdbx_database_status.deposit_site                    RCSB 
_pdbx_database_status.process_site                    RCSB 
_pdbx_database_status.status_code_cs                  ? 
_pdbx_database_status.status_code_nmr_data            ? 
_pdbx_database_status.methods_development_category    ? 
_pdbx_database_status.pdb_format_compatible           Y 
# 
_pdbx_database_related.db_name        PDB 
_pdbx_database_related.details        '7K3C contains the wild type sequence' 
_pdbx_database_related.db_id          7K3C 
_pdbx_database_related.content_type   unspecified 
# 
loop_
_audit_author.name 
_audit_author.pdbx_ordinal 
_audit_author.identifier_ORCID 
'Murray, K.A.'    1 0000-0003-1969-7701 
'Sawaya, M.R.'    2 0000-0003-0874-9043 
'Eisenberg, D.S.' 3 0000-0003-2432-5419 
# 
_citation.abstract                  ? 
_citation.abstract_id_CAS           ? 
_citation.book_id_ISBN              ? 
_citation.book_publisher            ? 
_citation.book_publisher_city       ? 
_citation.book_title                ? 
_citation.coordinate_linkage        ? 
_citation.country                   US 
_citation.database_id_Medline       ? 
_citation.details                   ? 
_citation.id                        primary 
_citation.journal_abbrev            Nat.Struct.Mol.Biol. 
_citation.journal_id_ASTM           ? 
_citation.journal_id_CSD            ? 
_citation.journal_id_ISSN           1545-9985 
_citation.journal_full              ? 
_citation.journal_issue             ? 
_citation.journal_volume            29 
_citation.language                  ? 
_citation.page_first                529 
_citation.page_last                 536 
_citation.title                     
'Identifying amyloid-related diseases by mapping mutations in low-complexity protein domains to pathologies.' 
_citation.year                      2022 
_citation.database_id_CSD           ? 
_citation.pdbx_database_id_DOI      10.1038/s41594-022-00774-y 
_citation.pdbx_database_id_PubMed   35637421 
_citation.unpublished_flag          ? 
# 
loop_
_citation_author.citation_id 
_citation_author.name 
_citation_author.ordinal 
_citation_author.identifier_ORCID 
primary 'Murray, K.A.'    1 ? 
primary 'Hughes, M.P.'    2 ? 
primary 'Hu, C.J.'        3 ? 
primary 'Sawaya, M.R.'    4 ? 
primary 'Salwinski, L.'   5 ? 
primary 'Pan, H.'         6 ? 
primary 'French, S.W.'    7 ? 
primary 'Seidler, P.M.'   8 ? 
primary 'Eisenberg, D.S.' 9 ? 
# 
loop_
_entity.id 
_entity.type 
_entity.src_method 
_entity.pdbx_description 
_entity.formula_weight 
_entity.pdbx_number_of_molecules 
_entity.pdbx_ec 
_entity.pdbx_mutation 
_entity.pdbx_fragment 
_entity.details 
1 polymer     syn 'SGMGCIT segment 58-64 from Keratin-8 with G62C mutation' 667.797 1 ? ? ? ? 
2 non-polymer syn 'ISOPROPYL ALCOHOL'                                       60.095  1 ? ? ? ? 
3 water       nat water                                                     18.015  1 ? ? ? ? 
# 
_entity_poly.entity_id                      1 
_entity_poly.type                           'polypeptide(L)' 
_entity_poly.nstd_linkage                   no 
_entity_poly.nstd_monomer                   no 
_entity_poly.pdbx_seq_one_letter_code       SGMGCIT 
_entity_poly.pdbx_seq_one_letter_code_can   SGMGCIT 
_entity_poly.pdbx_strand_id                 A 
_entity_poly.pdbx_target_identifier         ? 
# 
loop_
_pdbx_entity_nonpoly.entity_id 
_pdbx_entity_nonpoly.name 
_pdbx_entity_nonpoly.comp_id 
2 'ISOPROPYL ALCOHOL' IPA 
3 water               HOH 
# 
loop_
_entity_poly_seq.entity_id 
_entity_poly_seq.num 
_entity_poly_seq.mon_id 
_entity_poly_seq.hetero 
1 1 SER n 
1 2 GLY n 
1 3 MET n 
1 4 GLY n 
1 5 CYS n 
1 6 ILE n 
1 7 THR n 
# 
_pdbx_entity_src_syn.entity_id              1 
_pdbx_entity_src_syn.pdbx_src_id            1 
_pdbx_entity_src_syn.pdbx_alt_source_flag   sample 
_pdbx_entity_src_syn.pdbx_beg_seq_num       1 
_pdbx_entity_src_syn.pdbx_end_seq_num       7 
_pdbx_entity_src_syn.organism_scientific    'Homo sapiens' 
_pdbx_entity_src_syn.organism_common_name   ? 
_pdbx_entity_src_syn.ncbi_taxonomy_id       9606 
_pdbx_entity_src_syn.details                ? 
# 
loop_
_chem_comp.id 
_chem_comp.type 
_chem_comp.mon_nstd_flag 
_chem_comp.name 
_chem_comp.pdbx_synonyms 
_chem_comp.formula 
_chem_comp.formula_weight 
CYS 'L-peptide linking' y CYSTEINE            ?          'C3 H7 N O2 S'  121.158 
GLY 'peptide linking'   y GLYCINE             ?          'C2 H5 N O2'    75.067  
HOH non-polymer         . WATER               ?          'H2 O'          18.015  
ILE 'L-peptide linking' y ISOLEUCINE          ?          'C6 H13 N O2'   131.173 
IPA non-polymer         . 'ISOPROPYL ALCOHOL' 2-PROPANOL 'C3 H8 O'       60.095  
MET 'L-peptide linking' y METHIONINE          ?          'C5 H11 N O2 S' 149.211 
SER 'L-peptide linking' y SERINE              ?          'C3 H7 N O3'    105.093 
THR 'L-peptide linking' y THREONINE           ?          'C4 H9 N O3'    119.119 
# 
loop_
_pdbx_poly_seq_scheme.asym_id 
_pdbx_poly_seq_scheme.entity_id 
_pdbx_poly_seq_scheme.seq_id 
_pdbx_poly_seq_scheme.mon_id 
_pdbx_poly_seq_scheme.ndb_seq_num 
_pdbx_poly_seq_scheme.pdb_seq_num 
_pdbx_poly_seq_scheme.auth_seq_num 
_pdbx_poly_seq_scheme.pdb_mon_id 
_pdbx_poly_seq_scheme.auth_mon_id 
_pdbx_poly_seq_scheme.pdb_strand_id 
_pdbx_poly_seq_scheme.pdb_ins_code 
_pdbx_poly_seq_scheme.hetero 
A 1 1 SER 1 58 58 SER SER A . n 
A 1 2 GLY 2 59 59 GLY GLY A . n 
A 1 3 MET 3 60 60 MET MET A . n 
A 1 4 GLY 4 61 61 GLY GLY A . n 
A 1 5 CYS 5 62 62 CYS CYS A . n 
A 1 6 ILE 6 63 63 ILE ILE A . n 
A 1 7 THR 7 64 64 THR THR A . n 
# 
loop_
_pdbx_nonpoly_scheme.asym_id 
_pdbx_nonpoly_scheme.entity_id 
_pdbx_nonpoly_scheme.mon_id 
_pdbx_nonpoly_scheme.ndb_seq_num 
_pdbx_nonpoly_scheme.pdb_seq_num 
_pdbx_nonpoly_scheme.auth_seq_num 
_pdbx_nonpoly_scheme.pdb_mon_id 
_pdbx_nonpoly_scheme.auth_mon_id 
_pdbx_nonpoly_scheme.pdb_strand_id 
_pdbx_nonpoly_scheme.pdb_ins_code 
B 2 IPA 1 101 1 IPA IPA A . 
C 3 HOH 1 201 2 HOH HOH A . 
# 
loop_
_software.citation_id 
_software.classification 
_software.compiler_name 
_software.compiler_version 
_software.contact_author 
_software.contact_author_email 
_software.date 
_software.description 
_software.dependencies 
_software.hardware 
_software.language 
_software.location 
_software.mods 
_software.name 
_software.os 
_software.os_version 
_software.type 
_software.version 
_software.pdbx_ordinal 
? 'data reduction'  ? ? 'Zbyszek Otwinowski' hkl@hkl-xray.com            ? ? ? ? ?          http://www.hkl-xray.com/ ? DENZO       
? ? program .        1 
? 'data scaling'    ? ? 'Zbyszek Otwinowski' hkl@hkl-xray.com            ? ? ? ? ?          http://www.hkl-xray.com/ ? SCALEPACK   
? ? program .        2 
? phasing           ? ? 'Randy J. Read'      cimr-phaser@lists.cam.ac.uk 
'Thu Apr 26 13:39:35 2018 (svn 8338) (git 7364, 1318674... )' ? ? ? ?          http://www-structmed.cimr.cam.ac.uk/phaser/  ? 
PHASER      ? ? program 2.8.2    3 
? refinement        ? ? 'Garib N. Murshudov' garib@ysbl.york.ac.uk       ? ? ? ? Fortran_77 
http://www.ccp4.ac.uk/dist/html/refmac5.html ? REFMAC      ? ? program 5.8.0266 4 
? 'data extraction' ? ? PDB                  deposit@deposit.rcsb.org    'Apr. 1, 2019' ? ? ? C++        
http://sw-tools.pdb.org/apps/PDB_EXTRACT/    ? PDB_EXTRACT ? ? package 3.25     5 
# 
_cell.angle_alpha                  90.000 
_cell.angle_alpha_esd              ? 
_cell.angle_beta                   103.330 
_cell.angle_beta_esd               ? 
_cell.angle_gamma                  90.000 
_cell.angle_gamma_esd              ? 
_cell.entry_id                     7K3X 
_cell.details                      ? 
_cell.formula_units_Z              ? 
_cell.length_a                     4.740 
_cell.length_a_esd                 ? 
_cell.length_b                     46.170 
_cell.length_b_esd                 ? 
_cell.length_c                     10.330 
_cell.length_c_esd                 ? 
_cell.volume                       ? 
_cell.volume_esd                   ? 
_cell.Z_PDB                        2 
_cell.reciprocal_angle_alpha       ? 
_cell.reciprocal_angle_beta        ? 
_cell.reciprocal_angle_gamma       ? 
_cell.reciprocal_angle_alpha_esd   ? 
_cell.reciprocal_angle_beta_esd    ? 
_cell.reciprocal_angle_gamma_esd   ? 
_cell.reciprocal_length_a          ? 
_cell.reciprocal_length_b          ? 
_cell.reciprocal_length_c          ? 
_cell.reciprocal_length_a_esd      ? 
_cell.reciprocal_length_b_esd      ? 
_cell.reciprocal_length_c_esd      ? 
_cell.pdbx_unique_axis             ? 
# 
_symmetry.entry_id                         7K3X 
_symmetry.cell_setting                     ? 
_symmetry.Int_Tables_number                4 
_symmetry.space_group_name_Hall            ? 
_symmetry.space_group_name_H-M             'P 1 21 1' 
_symmetry.pdbx_full_space_group_name_H-M   ? 
# 
_exptl.absorpt_coefficient_mu     ? 
_exptl.absorpt_correction_T_max   ? 
_exptl.absorpt_correction_T_min   ? 
_exptl.absorpt_correction_type    ? 
_exptl.absorpt_process_details    ? 
_exptl.entry_id                   7K3X 
_exptl.crystals_number            1 
_exptl.details                    ? 
_exptl.method                     'X-RAY DIFFRACTION' 
_exptl.method_details             ? 
# 
_exptl_crystal.colour                      ? 
_exptl_crystal.density_diffrn              ? 
_exptl_crystal.density_Matthews            1.65 
_exptl_crystal.density_method              ? 
_exptl_crystal.density_percent_sol         25.32 
_exptl_crystal.description                 ? 
_exptl_crystal.F_000                       ? 
_exptl_crystal.id                          1 
_exptl_crystal.preparation                 ? 
_exptl_crystal.size_max                    ? 
_exptl_crystal.size_mid                    ? 
_exptl_crystal.size_min                    ? 
_exptl_crystal.size_rad                    ? 
_exptl_crystal.colour_lustre               ? 
_exptl_crystal.colour_modifier             ? 
_exptl_crystal.colour_primary              ? 
_exptl_crystal.density_meas                ? 
_exptl_crystal.density_meas_esd            ? 
_exptl_crystal.density_meas_gt             ? 
_exptl_crystal.density_meas_lt             ? 
_exptl_crystal.density_meas_temp           ? 
_exptl_crystal.density_meas_temp_esd       ? 
_exptl_crystal.density_meas_temp_gt        ? 
_exptl_crystal.density_meas_temp_lt        ? 
_exptl_crystal.pdbx_crystal_image_url      ? 
_exptl_crystal.pdbx_crystal_image_format   ? 
_exptl_crystal.pdbx_mosaicity              ? 
_exptl_crystal.pdbx_mosaicity_esd          ? 
# 
_exptl_crystal_grow.apparatus       ? 
_exptl_crystal_grow.atmosphere      ? 
_exptl_crystal_grow.crystal_id      1 
_exptl_crystal_grow.details         ? 
_exptl_crystal_grow.method          'VAPOR DIFFUSION, HANGING DROP' 
_exptl_crystal_grow.method_ref      ? 
_exptl_crystal_grow.pH              7.5 
_exptl_crystal_grow.pressure        ? 
_exptl_crystal_grow.pressure_esd    ? 
_exptl_crystal_grow.seeding         ? 
_exptl_crystal_grow.seeding_ref     ? 
_exptl_crystal_grow.temp            298 
_exptl_crystal_grow.temp_details    ? 
_exptl_crystal_grow.temp_esd        ? 
_exptl_crystal_grow.time            ? 
_exptl_crystal_grow.pdbx_details    '0.2M sodium citrate tribasic dehydrate, 0.1M HEPES (pH 7.5), 20% v/v 2-propanol' 
_exptl_crystal_grow.pdbx_pH_range   ? 
# 
_diffrn.ambient_environment              ? 
_diffrn.ambient_temp                     100 
_diffrn.ambient_temp_details             ? 
_diffrn.ambient_temp_esd                 ? 
_diffrn.crystal_id                       1 
_diffrn.crystal_support                  ? 
_diffrn.crystal_treatment                ? 
_diffrn.details                          ? 
_diffrn.id                               1 
_diffrn.ambient_pressure                 ? 
_diffrn.ambient_pressure_esd             ? 
_diffrn.ambient_pressure_gt              ? 
_diffrn.ambient_pressure_lt              ? 
_diffrn.ambient_temp_gt                  ? 
_diffrn.ambient_temp_lt                  ? 
_diffrn.pdbx_serial_crystal_experiment   N 
# 
_diffrn_detector.details                      ? 
_diffrn_detector.detector                     PIXEL 
_diffrn_detector.diffrn_id                    1 
_diffrn_detector.type                         'DECTRIS PILATUS 6M-F' 
_diffrn_detector.area_resol_mean              ? 
_diffrn_detector.dtime                        ? 
_diffrn_detector.pdbx_frames_total            ? 
_diffrn_detector.pdbx_collection_time_total   ? 
_diffrn_detector.pdbx_collection_date         2018-06-26 
_diffrn_detector.pdbx_frequency               ? 
# 
_diffrn_radiation.collimation                      ? 
_diffrn_radiation.diffrn_id                        1 
_diffrn_radiation.filter_edge                      ? 
_diffrn_radiation.inhomogeneity                    ? 
_diffrn_radiation.monochromator                    ? 
_diffrn_radiation.polarisn_norm                    ? 
_diffrn_radiation.polarisn_ratio                   ? 
_diffrn_radiation.probe                            ? 
_diffrn_radiation.type                             ? 
_diffrn_radiation.xray_symbol                      ? 
_diffrn_radiation.wavelength_id                    1 
_diffrn_radiation.pdbx_monochromatic_or_laue_m_l   M 
_diffrn_radiation.pdbx_wavelength_list             ? 
_diffrn_radiation.pdbx_wavelength                  ? 
_diffrn_radiation.pdbx_diffrn_protocol             'SINGLE WAVELENGTH' 
_diffrn_radiation.pdbx_analyzer                    ? 
_diffrn_radiation.pdbx_scattering_type             x-ray 
# 
_diffrn_radiation_wavelength.id           1 
_diffrn_radiation_wavelength.wavelength   0.9791 
_diffrn_radiation_wavelength.wt           1.0 
# 
_diffrn_source.current                     ? 
_diffrn_source.details                     ? 
_diffrn_source.diffrn_id                   1 
_diffrn_source.power                       ? 
_diffrn_source.size                        ? 
_diffrn_source.source                      SYNCHROTRON 
_diffrn_source.target                      ? 
_diffrn_source.type                        'APS BEAMLINE 24-ID-C' 
_diffrn_source.voltage                     ? 
_diffrn_source.take-off_angle              ? 
_diffrn_source.pdbx_wavelength_list        0.9791 
_diffrn_source.pdbx_wavelength             ? 
_diffrn_source.pdbx_synchrotron_beamline   24-ID-C 
_diffrn_source.pdbx_synchrotron_site       APS 
# 
_reflns.B_iso_Wilson_estimate            ? 
_reflns.entry_id                         7K3X 
_reflns.data_reduction_details           ? 
_reflns.data_reduction_method            ? 
_reflns.d_resolution_high                1.700 
_reflns.d_resolution_low                 100.000 
_reflns.details                          ? 
_reflns.limit_h_max                      ? 
_reflns.limit_h_min                      ? 
_reflns.limit_k_max                      ? 
_reflns.limit_k_min                      ? 
_reflns.limit_l_max                      ? 
_reflns.limit_l_min                      ? 
_reflns.number_all                       ? 
_reflns.number_obs                       472 
_reflns.observed_criterion               ? 
_reflns.observed_criterion_F_max         ? 
_reflns.observed_criterion_F_min         ? 
_reflns.observed_criterion_I_max         ? 
_reflns.observed_criterion_I_min         ? 
_reflns.observed_criterion_sigma_F       ? 
_reflns.observed_criterion_sigma_I       ? 
_reflns.percent_possible_obs             93.500 
_reflns.R_free_details                   ? 
_reflns.Rmerge_F_all                     ? 
_reflns.Rmerge_F_obs                     ? 
_reflns.Friedel_coverage                 ? 
_reflns.number_gt                        ? 
_reflns.threshold_expression             ? 
_reflns.pdbx_redundancy                  4.400 
_reflns.pdbx_Rmerge_I_obs                0.192 
_reflns.pdbx_Rmerge_I_all                ? 
_reflns.pdbx_Rsym_value                  ? 
_reflns.pdbx_netI_over_av_sigmaI         ? 
_reflns.pdbx_netI_over_sigmaI            4.300 
_reflns.pdbx_res_netI_over_av_sigmaI_2   ? 
_reflns.pdbx_res_netI_over_sigmaI_2      ? 
_reflns.pdbx_chi_squared                 2.040 
_reflns.pdbx_scaling_rejects             ? 
_reflns.pdbx_d_res_high_opt              ? 
_reflns.pdbx_d_res_low_opt               ? 
_reflns.pdbx_d_res_opt_method            ? 
_reflns.phase_calculation_details        ? 
_reflns.pdbx_Rrim_I_all                  0.219 
_reflns.pdbx_Rpim_I_all                  0.102 
_reflns.pdbx_d_opt                       ? 
_reflns.pdbx_number_measured_all         2087 
_reflns.pdbx_diffrn_id                   1 
_reflns.pdbx_ordinal                     1 
_reflns.pdbx_CC_half                     ? 
_reflns.pdbx_CC_star                     ? 
_reflns.pdbx_R_split                     ? 
# 
loop_
_reflns_shell.d_res_high 
_reflns_shell.d_res_low 
_reflns_shell.meanI_over_sigI_all 
_reflns_shell.meanI_over_sigI_obs 
_reflns_shell.number_measured_all 
_reflns_shell.number_measured_obs 
_reflns_shell.number_possible 
_reflns_shell.number_unique_all 
_reflns_shell.number_unique_obs 
_reflns_shell.percent_possible_all 
_reflns_shell.percent_possible_obs 
_reflns_shell.Rmerge_F_all 
_reflns_shell.Rmerge_F_obs 
_reflns_shell.Rmerge_I_all 
_reflns_shell.Rmerge_I_obs 
_reflns_shell.meanI_over_sigI_gt 
_reflns_shell.meanI_over_uI_all 
_reflns_shell.meanI_over_uI_gt 
_reflns_shell.number_measured_gt 
_reflns_shell.number_unique_gt 
_reflns_shell.percent_possible_gt 
_reflns_shell.Rmerge_F_gt 
_reflns_shell.Rmerge_I_gt 
_reflns_shell.pdbx_redundancy 
_reflns_shell.pdbx_Rsym_value 
_reflns_shell.pdbx_chi_squared 
_reflns_shell.pdbx_netI_over_sigmaI_all 
_reflns_shell.pdbx_netI_over_sigmaI_obs 
_reflns_shell.pdbx_Rrim_I_all 
_reflns_shell.pdbx_Rpim_I_all 
_reflns_shell.pdbx_rejects 
_reflns_shell.pdbx_ordinal 
_reflns_shell.pdbx_diffrn_id 
_reflns_shell.pdbx_CC_half 
_reflns_shell.pdbx_CC_star 
_reflns_shell.pdbx_R_split 
1.700 1.760   ? ? ? ? ? ? 40 71.400  ? ? ? ? 0.947 ? ? ? ? ? ? ? ? 2.600 ? 1.840 ? ? 1.149 0.636 ? 1  1 0.026 ? ? 
1.760 1.830   ? ? ? ? ? ? 32 100.000 ? ? ? ? 0.829 ? ? ? ? ? ? ? ? 3.800 ? 1.492 ? ? 0.937 0.433 ? 2  1 0.567 ? ? 
1.830 1.910   ? ? ? ? ? ? 51 100.000 ? ? ? ? 0.633 ? ? ? ? ? ? ? ? 3.800 ? 1.629 ? ? 0.739 0.371 ? 3  1 0.408 ? ? 
1.910 2.020   ? ? ? ? ? ? 46 88.500  ? ? ? ? 0.338 ? ? ? ? ? ? ? ? 3.700 ? 1.465 ? ? 0.395 0.199 ? 4  1 0.783 ? ? 
2.020 2.140   ? ? ? ? ? ? 55 93.200  ? ? ? ? 0.325 ? ? ? ? ? ? ? ? 4.500 ? 2.009 ? ? 0.364 0.161 ? 5  1 0.973 ? ? 
2.140 2.310   ? ? ? ? ? ? 51 100.000 ? ? ? ? 0.297 ? ? ? ? ? ? ? ? 6.000 ? 1.639 ? ? 0.328 0.136 ? 6  1 0.972 ? ? 
2.310 2.540   ? ? ? ? ? ? 54 98.200  ? ? ? ? 0.241 ? ? ? ? ? ? ? ? 4.800 ? 1.565 ? ? 0.271 0.121 ? 7  1 0.989 ? ? 
2.540 2.910   ? ? ? ? ? ? 32 91.400  ? ? ? ? 0.166 ? ? ? ? ? ? ? ? 4.200 ? 1.535 ? ? 0.210 0.124 ? 8  1 0.974 ? ? 
2.910 3.660   ? ? ? ? ? ? 55 100.000 ? ? ? ? 0.185 ? ? ? ? ? ? ? ? 5.000 ? 2.722 ? ? 0.208 0.094 ? 9  1 0.980 ? ? 
3.660 100.000 ? ? ? ? ? ? 56 94.900  ? ? ? ? 0.123 ? ? ? ? ? ? ? ? 4.800 ? 3.441 ? ? 0.139 0.062 ? 10 1 0.976 ? ? 
# 
_refine.aniso_B[1][1]                            -11.407 
_refine.aniso_B[1][2]                            -0.000 
_refine.aniso_B[1][3]                            -4.262 
_refine.aniso_B[2][2]                            1.134 
_refine.aniso_B[2][3]                            0.000 
_refine.aniso_B[3][3]                            10.273 
_refine.B_iso_max                                ? 
_refine.B_iso_mean                               22.999 
_refine.B_iso_min                                ? 
_refine.correlation_coeff_Fo_to_Fc               0.931 
_refine.correlation_coeff_Fo_to_Fc_free          0.924 
_refine.details                                  'Hydrogens have been added in their riding positions' 
_refine.diff_density_max                         ? 
_refine.diff_density_max_esd                     ? 
_refine.diff_density_min                         ? 
_refine.diff_density_min_esd                     ? 
_refine.diff_density_rms                         ? 
_refine.diff_density_rms_esd                     ? 
_refine.entry_id                                 7K3X 
_refine.pdbx_refine_id                           'X-RAY DIFFRACTION' 
_refine.ls_abs_structure_details                 ? 
_refine.ls_abs_structure_Flack                   ? 
_refine.ls_abs_structure_Flack_esd               ? 
_refine.ls_abs_structure_Rogers                  ? 
_refine.ls_abs_structure_Rogers_esd              ? 
_refine.ls_d_res_high                            1.705 
_refine.ls_d_res_low                             23.086 
_refine.ls_extinction_coef                       ? 
_refine.ls_extinction_coef_esd                   ? 
_refine.ls_extinction_expression                 ? 
_refine.ls_extinction_method                     ? 
_refine.ls_goodness_of_fit_all                   ? 
_refine.ls_goodness_of_fit_all_esd               ? 
_refine.ls_goodness_of_fit_obs                   ? 
_refine.ls_goodness_of_fit_obs_esd               ? 
_refine.ls_hydrogen_treatment                    ? 
_refine.ls_matrix_type                           ? 
_refine.ls_number_constraints                    ? 
_refine.ls_number_parameters                     ? 
_refine.ls_number_reflns_all                     ? 
_refine.ls_number_reflns_obs                     448 
_refine.ls_number_reflns_R_free                  45 
_refine.ls_number_reflns_R_work                  403 
_refine.ls_number_restraints                     ? 
_refine.ls_percent_reflns_obs                    95.117 
_refine.ls_percent_reflns_R_free                 10.045 
_refine.ls_R_factor_all                          0.247 
_refine.ls_R_factor_obs                          ? 
_refine.ls_R_factor_R_free                       0.2481 
_refine.ls_R_factor_R_free_error                 ? 
_refine.ls_R_factor_R_free_error_details         ? 
_refine.ls_R_factor_R_work                       0.2468 
_refine.ls_R_Fsqd_factor_obs                     ? 
_refine.ls_R_I_factor_obs                        ? 
_refine.ls_redundancy_reflns_all                 ? 
_refine.ls_redundancy_reflns_obs                 ? 
_refine.ls_restrained_S_all                      ? 
_refine.ls_restrained_S_obs                      ? 
_refine.ls_shift_over_esd_max                    ? 
_refine.ls_shift_over_esd_mean                   ? 
_refine.ls_structure_factor_coef                 ? 
_refine.ls_weighting_details                     ? 
_refine.ls_weighting_scheme                      ? 
_refine.ls_wR_factor_all                         ? 
_refine.ls_wR_factor_obs                         ? 
_refine.ls_wR_factor_R_free                      ? 
_refine.ls_wR_factor_R_work                      ? 
_refine.occupancy_max                            ? 
_refine.occupancy_min                            ? 
_refine.solvent_model_details                    'MASK BULK SOLVENT' 
_refine.solvent_model_param_bsol                 ? 
_refine.solvent_model_param_ksol                 ? 
_refine.pdbx_R_complete                          ? 
_refine.ls_R_factor_gt                           ? 
_refine.ls_goodness_of_fit_gt                    ? 
_refine.ls_goodness_of_fit_ref                   ? 
_refine.ls_shift_over_su_max                     ? 
_refine.ls_shift_over_su_max_lt                  ? 
_refine.ls_shift_over_su_mean                    ? 
_refine.ls_shift_over_su_mean_lt                 ? 
_refine.pdbx_ls_sigma_I                          ? 
_refine.pdbx_ls_sigma_F                          ? 
_refine.pdbx_ls_sigma_Fsqd                       ? 
_refine.pdbx_data_cutoff_high_absF               ? 
_refine.pdbx_data_cutoff_high_rms_absF           ? 
_refine.pdbx_data_cutoff_low_absF                ? 
_refine.pdbx_isotropic_thermal_model             ? 
_refine.pdbx_ls_cross_valid_method               'FREE R-VALUE' 
_refine.pdbx_method_to_determine_struct          'MOLECULAR REPLACEMENT' 
_refine.pdbx_starting_model                      'ideal beta strand' 
_refine.pdbx_stereochemistry_target_values       ? 
_refine.pdbx_R_Free_selection_details            ? 
_refine.pdbx_stereochem_target_val_spec_case     ? 
_refine.pdbx_overall_ESU_R                       0.045 
_refine.pdbx_overall_ESU_R_Free                  0.032 
_refine.pdbx_solvent_vdw_probe_radii             1.200 
_refine.pdbx_solvent_ion_probe_radii             0.800 
_refine.pdbx_solvent_shrinkage_radii             0.800 
_refine.pdbx_real_space_R                        ? 
_refine.pdbx_density_correlation                 ? 
_refine.pdbx_pd_number_of_powder_patterns        ? 
_refine.pdbx_pd_number_of_points                 ? 
_refine.pdbx_pd_meas_number_of_points            ? 
_refine.pdbx_pd_proc_ls_prof_R_factor            ? 
_refine.pdbx_pd_proc_ls_prof_wR_factor           ? 
_refine.pdbx_pd_Marquardt_correlation_coeff      ? 
_refine.pdbx_pd_Fsqrd_R_factor                   ? 
_refine.pdbx_pd_ls_matrix_band_width             ? 
_refine.pdbx_overall_phase_error                 ? 
_refine.pdbx_overall_SU_R_free_Cruickshank_DPI   ? 
_refine.pdbx_overall_SU_R_free_Blow_DPI          ? 
_refine.pdbx_overall_SU_R_Blow_DPI               ? 
_refine.pdbx_TLS_residual_ADP_flag               ? 
_refine.pdbx_diffrn_id                           1 
_refine.overall_SU_B                             4.917 
_refine.overall_SU_ML                            0.136 
_refine.overall_SU_R_Cruickshank_DPI             ? 
_refine.overall_SU_R_free                        ? 
_refine.overall_FOM_free_R_set                   ? 
_refine.overall_FOM_work_R_set                   ? 
_refine.pdbx_average_fsc_overall                 ? 
_refine.pdbx_average_fsc_work                    ? 
_refine.pdbx_average_fsc_free                    ? 
# 
_refine_hist.pdbx_refine_id                   'X-RAY DIFFRACTION' 
_refine_hist.cycle_id                         LAST 
_refine_hist.pdbx_number_atoms_protein        44 
_refine_hist.pdbx_number_atoms_nucleic_acid   0 
_refine_hist.pdbx_number_atoms_ligand         4 
_refine_hist.number_atoms_solvent             1 
_refine_hist.number_atoms_total               49 
_refine_hist.d_res_high                       1.705 
_refine_hist.d_res_low                        23.086 
# 
loop_
_refine_ls_restr.pdbx_refine_id 
_refine_ls_restr.criterion 
_refine_ls_restr.dev_ideal 
_refine_ls_restr.dev_ideal_target 
_refine_ls_restr.number 
_refine_ls_restr.rejects 
_refine_ls_restr.type 
_refine_ls_restr.weight 
_refine_ls_restr.pdbx_restraint_function 
'X-RAY DIFFRACTION' ? 0.011  0.014  46  ? r_bond_refined_d       ? ? 
'X-RAY DIFFRACTION' ? 0.061  0.018  50  ? r_bond_other_d         ? ? 
'X-RAY DIFFRACTION' ? 1.908  1.731  59  ? r_angle_refined_deg    ? ? 
'X-RAY DIFFRACTION' ? 1.593  1.646  114 ? r_angle_other_deg      ? ? 
'X-RAY DIFFRACTION' ? 9.503  5.000  6   ? r_dihedral_angle_1_deg ? ? 
'X-RAY DIFFRACTION' ? 17.662 15.000 8   ? r_dihedral_angle_3_deg ? ? 
'X-RAY DIFFRACTION' ? 0.070  0.200  7   ? r_chiral_restr         ? ? 
'X-RAY DIFFRACTION' ? 0.005  0.020  50  ? r_gen_planes_refined   ? ? 
'X-RAY DIFFRACTION' ? 0.000  0.020  6   ? r_gen_planes_other     ? ? 
'X-RAY DIFFRACTION' ? 0.083  0.200  1   ? r_nbd_refined          ? ? 
'X-RAY DIFFRACTION' ? 0.203  0.200  25  ? r_symmetry_nbd_other   ? ? 
'X-RAY DIFFRACTION' ? 0.137  0.200  18  ? r_nbtor_refined        ? ? 
'X-RAY DIFFRACTION' ? 0.077  0.200  28  ? r_symmetry_nbtor_other ? ? 
'X-RAY DIFFRACTION' ? 0.243  0.200  1   ? r_xyhbond_nbd_refined  ? ? 
'X-RAY DIFFRACTION' ? 0.237  0.200  7   ? r_symmetry_nbd_refined ? ? 
'X-RAY DIFFRACTION' ? 0.332  0.200  20  ? r_nbd_other            ? ? 
'X-RAY DIFFRACTION' ? 4.788  2.020  27  ? r_mcbond_it            ? ? 
'X-RAY DIFFRACTION' ? 4.858  1.984  26  ? r_mcbond_other         ? ? 
'X-RAY DIFFRACTION' ? 8.142  3.003  28  ? r_mcangle_it           ? ? 
'X-RAY DIFFRACTION' ? 8.003  3.061  29  ? r_mcangle_other        ? ? 
'X-RAY DIFFRACTION' ? 12.934 2.833  19  ? r_scbond_it            ? ? 
'X-RAY DIFFRACTION' ? 12.609 2.774  20  ? r_scbond_other         ? ? 
'X-RAY DIFFRACTION' ? 14.861 4.130  26  ? r_scangle_it           ? ? 
'X-RAY DIFFRACTION' ? 14.583 4.050  27  ? r_scangle_other        ? ? 
'X-RAY DIFFRACTION' ? 18.747 28.484 33  ? r_lrange_it            ? ? 
'X-RAY DIFFRACTION' ? 18.717 29.582 34  ? r_lrange_other         ? ? 
# 
loop_
_refine_ls_shell.pdbx_refine_id 
_refine_ls_shell.d_res_high 
_refine_ls_shell.d_res_low 
_refine_ls_shell.number_reflns_all 
_refine_ls_shell.number_reflns_obs 
_refine_ls_shell.number_reflns_R_free 
_refine_ls_shell.number_reflns_R_work 
_refine_ls_shell.percent_reflns_obs 
_refine_ls_shell.percent_reflns_R_free 
_refine_ls_shell.R_factor_all 
_refine_ls_shell.R_factor_obs 
_refine_ls_shell.R_factor_R_free 
_refine_ls_shell.R_factor_R_free_error 
_refine_ls_shell.R_factor_R_work 
_refine_ls_shell.redundancy_reflns_all 
_refine_ls_shell.redundancy_reflns_obs 
_refine_ls_shell.wR_factor_all 
_refine_ls_shell.wR_factor_obs 
_refine_ls_shell.wR_factor_R_free 
_refine_ls_shell.wR_factor_R_work 
_refine_ls_shell.pdbx_R_complete 
_refine_ls_shell.pdbx_total_number_of_bins_used 
_refine_ls_shell.pdbx_phase_error 
_refine_ls_shell.pdbx_fsc_work 
_refine_ls_shell.pdbx_fsc_free 
'X-RAY DIFFRACTION' 1.705 1.749  . . . 25 75.7576  . . . .     . 0.374 . . . . . . . . . . . 
'X-RAY DIFFRACTION' 1.749 1.797  . . 3 24 100.0000 . . . 0.625 . 0.342 . . . . . . . . . . . 
'X-RAY DIFFRACTION' 1.797 1.849  . . 2 26 100.0000 . . . 0.143 . 0.425 . . . . . . . . . . . 
'X-RAY DIFFRACTION' 1.849 1.905  . . 1 24 100.0000 . . . 0.005 . 0.344 . . . . . . . . . . . 
'X-RAY DIFFRACTION' 1.905 1.967  . . 3 32 94.5946  . . . 0.172 . 0.235 . . . . . . . . . . . 
'X-RAY DIFFRACTION' 1.967 2.036  . . 6 27 80.4878  . . . 0.376 . 0.335 . . . . . . . . . . . 
'X-RAY DIFFRACTION' 2.036 2.112  . . 2 27 100.0000 . . . 0.195 . 0.160 . . . . . . . . . . . 
'X-RAY DIFFRACTION' 2.112 2.198  . . 2 26 100.0000 . . . 0.094 . 0.247 . . . . . . . . . . . 
'X-RAY DIFFRACTION' 2.198 2.295  . . 3 22 100.0000 . . . 0.446 . 0.230 . . . . . . . . . . . 
'X-RAY DIFFRACTION' 2.295 2.405  . . 4 31 100.0000 . . . 0.633 . 0.336 . . . . . . . . . . . 
'X-RAY DIFFRACTION' 2.405 2.534  . . 7 18 96.1538  . . . 0.415 . 0.216 . . . . . . . . . . . 
'X-RAY DIFFRACTION' 2.534 2.686  . . 0 13 92.8571  . . . .     . 0.358 . . . . . . . . . . . 
'X-RAY DIFFRACTION' 2.686 2.868  . . 0 15 93.7500  . . . .     . 0.301 . . . . . . . . . . . 
'X-RAY DIFFRACTION' 2.868 3.094  . . 2 23 100.0000 . . . 0.063 . 0.273 . . . . . . . . . . . 
'X-RAY DIFFRACTION' 3.094 3.383  . . 1 17 100.0000 . . . 0.751 . 0.245 . . . . . . . . . . . 
'X-RAY DIFFRACTION' 3.383 3.773  . . 4 11 100.0000 . . . 0.130 . 0.141 . . . . . . . . . . . 
'X-RAY DIFFRACTION' 3.773 4.337  . . 2 17 95.0000  . . . 0.219 . 0.151 . . . . . . . . . . . 
'X-RAY DIFFRACTION' 4.337 5.265  . . 2 15 100.0000 . . . 0.185 . 0.117 . . . . . . . . . . . 
'X-RAY DIFFRACTION' 5.265 7.260  . . 0 4  100.0000 . . . .     . 0.395 . . . . . . . . . . . 
'X-RAY DIFFRACTION' 7.260 23.086 . . 1 6  87.5000  . . . 0.069 . 0.281 . . . . . . . . . . . 
# 
_struct.entry_id                     7K3X 
_struct.title                        'SGMGCIT segment 58-64 from Keratin-8 with G62C mutation' 
_struct.pdbx_model_details           ? 
_struct.pdbx_formula_weight          ? 
_struct.pdbx_formula_weight_method   ? 
_struct.pdbx_model_type_details      ? 
_struct.pdbx_CASP_flag               N 
# 
_struct_keywords.entry_id        7K3X 
_struct_keywords.text            'amyloid filament, low complexity sequence, cryptogenic liver disease, PROTEIN FIBRIL' 
_struct_keywords.pdbx_keywords   'PROTEIN FIBRIL' 
# 
loop_
_struct_asym.id 
_struct_asym.pdbx_blank_PDB_chainid_flag 
_struct_asym.pdbx_modified 
_struct_asym.entity_id 
_struct_asym.details 
A N N 1 ? 
B N N 2 ? 
C N N 3 ? 
# 
_struct_ref.id                         1 
_struct_ref.db_name                    PDB 
_struct_ref.db_code                    7K3X 
_struct_ref.pdbx_db_accession          7K3X 
_struct_ref.pdbx_db_isoform            ? 
_struct_ref.entity_id                  1 
_struct_ref.pdbx_seq_one_letter_code   ? 
_struct_ref.pdbx_align_begin           1 
# 
_struct_ref_seq.align_id                      1 
_struct_ref_seq.ref_id                        1 
_struct_ref_seq.pdbx_PDB_id_code              7K3X 
_struct_ref_seq.pdbx_strand_id                A 
_struct_ref_seq.seq_align_beg                 1 
_struct_ref_seq.pdbx_seq_align_beg_ins_code   ? 
_struct_ref_seq.seq_align_end                 7 
_struct_ref_seq.pdbx_seq_align_end_ins_code   ? 
_struct_ref_seq.pdbx_db_accession             7K3X 
_struct_ref_seq.db_align_beg                  58 
_struct_ref_seq.pdbx_db_align_beg_ins_code    ? 
_struct_ref_seq.db_align_end                  64 
_struct_ref_seq.pdbx_db_align_end_ins_code    ? 
_struct_ref_seq.pdbx_auth_seq_align_beg       58 
_struct_ref_seq.pdbx_auth_seq_align_end       64 
# 
_pdbx_struct_assembly.id                   1 
_pdbx_struct_assembly.details              author_defined_assembly 
_pdbx_struct_assembly.method_details       ? 
_pdbx_struct_assembly.oligomeric_details   decameric 
_pdbx_struct_assembly.oligomeric_count     10 
# 
loop_
_pdbx_struct_assembly_gen.assembly_id 
_pdbx_struct_assembly_gen.oper_expression 
_pdbx_struct_assembly_gen.asym_id_list 
1 1  A,B,C 
1 2  A,B,C 
1 3  A,B,C 
1 4  A,B,C 
1 5  A,B,C 
1 6  A,B,C 
1 7  A,B,C 
1 8  A,B,C 
1 9  A,B,C 
1 10 A,B,C 
# 
_pdbx_struct_assembly_auth_evidence.id                     1 
_pdbx_struct_assembly_auth_evidence.assembly_id            1 
_pdbx_struct_assembly_auth_evidence.experimental_support   none 
_pdbx_struct_assembly_auth_evidence.details                ? 
# 
loop_
_pdbx_struct_oper_list.id 
_pdbx_struct_oper_list.type 
_pdbx_struct_oper_list.name 
_pdbx_struct_oper_list.symmetry_operation 
_pdbx_struct_oper_list.matrix[1][1] 
_pdbx_struct_oper_list.matrix[1][2] 
_pdbx_struct_oper_list.matrix[1][3] 
_pdbx_struct_oper_list.vector[1] 
_pdbx_struct_oper_list.matrix[2][1] 
_pdbx_struct_oper_list.matrix[2][2] 
_pdbx_struct_oper_list.matrix[2][3] 
_pdbx_struct_oper_list.vector[2] 
_pdbx_struct_oper_list.matrix[3][1] 
_pdbx_struct_oper_list.matrix[3][2] 
_pdbx_struct_oper_list.matrix[3][3] 
_pdbx_struct_oper_list.vector[3] 
1  'identity operation'         1_555 x,y,z     1.0000000000 0.0000000000 0.0000000000 0.0000000000  0.0000000000 1.0000000000 0.0000000000 0.0000000000  0.0000000000 0.0000000000 1.0000000000 0.0000000000   
2  'crystal symmetry operation' 1_455 x-1,y,z   1.0000000000 0.0000000000 0.0000000000 3.6633894974  0.0000000000 1.0000000000 0.0000000000 2.6812373876  0.0000000000 0.0000000000 1.0000000000 1.3631373599   
3  'crystal symmetry operation' 1_655 x+1,y,z   1.0000000000 0.0000000000 0.0000000000 -3.6633894974 0.0000000000 1.0000000000 0.0000000000 -2.6812373876 0.0000000000 0.0000000000 1.0000000000 -1.3631373599  
4  'crystal symmetry operation' 1_355 x-2,y,z   1.0000000000 0.0000000000 0.0000000000 7.3267789948  0.0000000000 1.0000000000 0.0000000000 5.3624747751  0.0000000000 0.0000000000 1.0000000000 2.7262747198   
5  'crystal symmetry operation' 1_755 x+2,y,z   1.0000000000 0.0000000000 0.0000000000 -7.3267789948 0.0000000000 1.0000000000 0.0000000000 -5.3624747751 0.0000000000 0.0000000000 1.0000000000 -2.7262747198  
6  'crystal symmetry operation' 1_556 x,y,z+1   1.0000000000 0.0000000000 0.0000000000 1.2866066123  0.0000000000 1.0000000000 0.0000000000 6.4869516786  0.0000000000 0.0000000000 1.0000000000 -7.9355529956  
7  'crystal symmetry operation' 1_456 x-1,y,z+1 1.0000000000 0.0000000000 0.0000000000 4.9499961097  0.0000000000 1.0000000000 0.0000000000 9.1681890661  0.0000000000 0.0000000000 1.0000000000 -6.5724156357  
8  'crystal symmetry operation' 1_656 x+1,y,z+1 1.0000000000 0.0000000000 0.0000000000 -2.3767828851 0.0000000000 1.0000000000 0.0000000000 3.8057142910  0.0000000000 0.0000000000 1.0000000000 -9.2986903555  
9  'crystal symmetry operation' 1_356 x-2,y,z+1 1.0000000000 0.0000000000 0.0000000000 8.6133856071  0.0000000000 1.0000000000 0.0000000000 11.8494264537 0.0000000000 0.0000000000 1.0000000000 -5.2092782758  
10 'crystal symmetry operation' 1_756 x+2,y,z+1 1.0000000000 0.0000000000 0.0000000000 -6.0401723825 0.0000000000 1.0000000000 0.0000000000 1.1244769035  0.0000000000 0.0000000000 1.0000000000 -10.6618277154 
# 
_pdbx_phasing_MR.entry_id                     7K3X 
_pdbx_phasing_MR.method_rotation              ? 
_pdbx_phasing_MR.method_translation           ? 
_pdbx_phasing_MR.model_details                'Phaser MODE: MR_AUTO' 
_pdbx_phasing_MR.R_factor                     ? 
_pdbx_phasing_MR.R_rigid_body                 ? 
_pdbx_phasing_MR.correlation_coeff_Fo_to_Fc   ? 
_pdbx_phasing_MR.correlation_coeff_Io_to_Ic   ? 
_pdbx_phasing_MR.d_res_high_rotation          1.710 
_pdbx_phasing_MR.d_res_low_rotation           23.090 
_pdbx_phasing_MR.d_res_high_translation       1.710 
_pdbx_phasing_MR.d_res_low_translation        23.090 
_pdbx_phasing_MR.packing                      ? 
_pdbx_phasing_MR.reflns_percent_rotation      ? 
_pdbx_phasing_MR.reflns_percent_translation   ? 
_pdbx_phasing_MR.sigma_F_rotation             ? 
_pdbx_phasing_MR.sigma_F_translation          ? 
_pdbx_phasing_MR.sigma_I_rotation             ? 
_pdbx_phasing_MR.sigma_I_translation          ? 
# 
_phasing.method   MR 
# 
_pdbx_entry_details.entry_id                 7K3X 
_pdbx_entry_details.has_ligand_of_interest   N 
_pdbx_entry_details.compound_details         ? 
_pdbx_entry_details.source_details           ? 
_pdbx_entry_details.nonpolymer_details       ? 
_pdbx_entry_details.sequence_details         ? 
# 
loop_
_chem_comp_atom.comp_id 
_chem_comp_atom.atom_id 
_chem_comp_atom.type_symbol 
_chem_comp_atom.pdbx_aromatic_flag 
_chem_comp_atom.pdbx_stereo_config 
_chem_comp_atom.pdbx_ordinal 
CYS N    N N N 1   
CYS CA   C N R 2   
CYS C    C N N 3   
CYS O    O N N 4   
CYS CB   C N N 5   
CYS SG   S N N 6   
CYS OXT  O N N 7   
CYS H    H N N 8   
CYS H2   H N N 9   
CYS HA   H N N 10  
CYS HB2  H N N 11  
CYS HB3  H N N 12  
CYS HG   H N N 13  
CYS HXT  H N N 14  
GLY N    N N N 15  
GLY CA   C N N 16  
GLY C    C N N 17  
GLY O    O N N 18  
GLY OXT  O N N 19  
GLY H    H N N 20  
GLY H2   H N N 21  
GLY HA2  H N N 22  
GLY HA3  H N N 23  
GLY HXT  H N N 24  
HOH O    O N N 25  
HOH H1   H N N 26  
HOH H2   H N N 27  
ILE N    N N N 28  
ILE CA   C N S 29  
ILE C    C N N 30  
ILE O    O N N 31  
ILE CB   C N S 32  
ILE CG1  C N N 33  
ILE CG2  C N N 34  
ILE CD1  C N N 35  
ILE OXT  O N N 36  
ILE H    H N N 37  
ILE H2   H N N 38  
ILE HA   H N N 39  
ILE HB   H N N 40  
ILE HG12 H N N 41  
ILE HG13 H N N 42  
ILE HG21 H N N 43  
ILE HG22 H N N 44  
ILE HG23 H N N 45  
ILE HD11 H N N 46  
ILE HD12 H N N 47  
ILE HD13 H N N 48  
ILE HXT  H N N 49  
IPA C1   C N N 50  
IPA C2   C N N 51  
IPA C3   C N N 52  
IPA O2   O N N 53  
IPA H11  H N N 54  
IPA H12  H N N 55  
IPA H13  H N N 56  
IPA H2   H N N 57  
IPA H31  H N N 58  
IPA H32  H N N 59  
IPA H33  H N N 60  
IPA HO2  H N N 61  
MET N    N N N 62  
MET CA   C N S 63  
MET C    C N N 64  
MET O    O N N 65  
MET CB   C N N 66  
MET CG   C N N 67  
MET SD   S N N 68  
MET CE   C N N 69  
MET OXT  O N N 70  
MET H    H N N 71  
MET H2   H N N 72  
MET HA   H N N 73  
MET HB2  H N N 74  
MET HB3  H N N 75  
MET HG2  H N N 76  
MET HG3  H N N 77  
MET HE1  H N N 78  
MET HE2  H N N 79  
MET HE3  H N N 80  
MET HXT  H N N 81  
SER N    N N N 82  
SER CA   C N S 83  
SER C    C N N 84  
SER O    O N N 85  
SER CB   C N N 86  
SER OG   O N N 87  
SER OXT  O N N 88  
SER H    H N N 89  
SER H2   H N N 90  
SER HA   H N N 91  
SER HB2  H N N 92  
SER HB3  H N N 93  
SER HG   H N N 94  
SER HXT  H N N 95  
THR N    N N N 96  
THR CA   C N S 97  
THR C    C N N 98  
THR O    O N N 99  
THR CB   C N R 100 
THR OG1  O N N 101 
THR CG2  C N N 102 
THR OXT  O N N 103 
THR H    H N N 104 
THR H2   H N N 105 
THR HA   H N N 106 
THR HB   H N N 107 
THR HG1  H N N 108 
THR HG21 H N N 109 
THR HG22 H N N 110 
THR HG23 H N N 111 
THR HXT  H N N 112 
# 
loop_
_chem_comp_bond.comp_id 
_chem_comp_bond.atom_id_1 
_chem_comp_bond.atom_id_2 
_chem_comp_bond.value_order 
_chem_comp_bond.pdbx_aromatic_flag 
_chem_comp_bond.pdbx_stereo_config 
_chem_comp_bond.pdbx_ordinal 
CYS N   CA   sing N N 1   
CYS N   H    sing N N 2   
CYS N   H2   sing N N 3   
CYS CA  C    sing N N 4   
CYS CA  CB   sing N N 5   
CYS CA  HA   sing N N 6   
CYS C   O    doub N N 7   
CYS C   OXT  sing N N 8   
CYS CB  SG   sing N N 9   
CYS CB  HB2  sing N N 10  
CYS CB  HB3  sing N N 11  
CYS SG  HG   sing N N 12  
CYS OXT HXT  sing N N 13  
GLY N   CA   sing N N 14  
GLY N   H    sing N N 15  
GLY N   H2   sing N N 16  
GLY CA  C    sing N N 17  
GLY CA  HA2  sing N N 18  
GLY CA  HA3  sing N N 19  
GLY C   O    doub N N 20  
GLY C   OXT  sing N N 21  
GLY OXT HXT  sing N N 22  
HOH O   H1   sing N N 23  
HOH O   H2   sing N N 24  
ILE N   CA   sing N N 25  
ILE N   H    sing N N 26  
ILE N   H2   sing N N 27  
ILE CA  C    sing N N 28  
ILE CA  CB   sing N N 29  
ILE CA  HA   sing N N 30  
ILE C   O    doub N N 31  
ILE C   OXT  sing N N 32  
ILE CB  CG1  sing N N 33  
ILE CB  CG2  sing N N 34  
ILE CB  HB   sing N N 35  
ILE CG1 CD1  sing N N 36  
ILE CG1 HG12 sing N N 37  
ILE CG1 HG13 sing N N 38  
ILE CG2 HG21 sing N N 39  
ILE CG2 HG22 sing N N 40  
ILE CG2 HG23 sing N N 41  
ILE CD1 HD11 sing N N 42  
ILE CD1 HD12 sing N N 43  
ILE CD1 HD13 sing N N 44  
ILE OXT HXT  sing N N 45  
IPA C1  C2   sing N N 46  
IPA C1  H11  sing N N 47  
IPA C1  H12  sing N N 48  
IPA C1  H13  sing N N 49  
IPA C2  C3   sing N N 50  
IPA C2  O2   sing N N 51  
IPA C2  H2   sing N N 52  
IPA C3  H31  sing N N 53  
IPA C3  H32  sing N N 54  
IPA C3  H33  sing N N 55  
IPA O2  HO2  sing N N 56  
MET N   CA   sing N N 57  
MET N   H    sing N N 58  
MET N   H2   sing N N 59  
MET CA  C    sing N N 60  
MET CA  CB   sing N N 61  
MET CA  HA   sing N N 62  
MET C   O    doub N N 63  
MET C   OXT  sing N N 64  
MET CB  CG   sing N N 65  
MET CB  HB2  sing N N 66  
MET CB  HB3  sing N N 67  
MET CG  SD   sing N N 68  
MET CG  HG2  sing N N 69  
MET CG  HG3  sing N N 70  
MET SD  CE   sing N N 71  
MET CE  HE1  sing N N 72  
MET CE  HE2  sing N N 73  
MET CE  HE3  sing N N 74  
MET OXT HXT  sing N N 75  
SER N   CA   sing N N 76  
SER N   H    sing N N 77  
SER N   H2   sing N N 78  
SER CA  C    sing N N 79  
SER CA  CB   sing N N 80  
SER CA  HA   sing N N 81  
SER C   O    doub N N 82  
SER C   OXT  sing N N 83  
SER CB  OG   sing N N 84  
SER CB  HB2  sing N N 85  
SER CB  HB3  sing N N 86  
SER OG  HG   sing N N 87  
SER OXT HXT  sing N N 88  
THR N   CA   sing N N 89  
THR N   H    sing N N 90  
THR N   H2   sing N N 91  
THR CA  C    sing N N 92  
THR CA  CB   sing N N 93  
THR CA  HA   sing N N 94  
THR C   O    doub N N 95  
THR C   OXT  sing N N 96  
THR CB  OG1  sing N N 97  
THR CB  CG2  sing N N 98  
THR CB  HB   sing N N 99  
THR OG1 HG1  sing N N 100 
THR CG2 HG21 sing N N 101 
THR CG2 HG22 sing N N 102 
THR CG2 HG23 sing N N 103 
THR OXT HXT  sing N N 104 
# 
_pdbx_audit_support.funding_organization   
'National Institutes of Health/National Institute of General Medical Sciences (NIH/NIGMS)' 
_pdbx_audit_support.country                'United States' 
_pdbx_audit_support.grant_number           'P30 GM124165' 
_pdbx_audit_support.ordinal                1 
# 
_pdbx_initial_refinement_model.accession_code   ? 
_pdbx_initial_refinement_model.id               1 
_pdbx_initial_refinement_model.entity_id_list   ? 
_pdbx_initial_refinement_model.type             'in silico model' 
_pdbx_initial_refinement_model.source_name      Other 
_pdbx_initial_refinement_model.details          'ideal beta strand' 
# 
loop_
_pdbx_reflns_twin.domain_id 
_pdbx_reflns_twin.operator 
_pdbx_reflns_twin.fraction 
_pdbx_reflns_twin.type 
_pdbx_reflns_twin.crystal_id 
_pdbx_reflns_twin.diffrn_id 
1 'H,  K,  L'    0.5277 pseudo-merohedral 1 1 
2 '-H, -K,  H+L' 0.4723 pseudo-merohedral 2 2 
# 
_atom_sites.entry_id                    7K3X 
_atom_sites.Cartn_transf_matrix[1][1]   ? 
_atom_sites.Cartn_transf_matrix[1][2]   ? 
_atom_sites.Cartn_transf_matrix[1][3]   ? 
_atom_sites.Cartn_transf_matrix[2][1]   ? 
_atom_sites.Cartn_transf_matrix[2][2]   ? 
_atom_sites.Cartn_transf_matrix[2][3]   ? 
_atom_sites.Cartn_transf_matrix[3][1]   ? 
_atom_sites.Cartn_transf_matrix[3][2]   ? 
_atom_sites.Cartn_transf_matrix[3][3]   ? 
_atom_sites.Cartn_transf_vector[1]      ? 
_atom_sites.Cartn_transf_vector[2]      ? 
_atom_sites.Cartn_transf_vector[3]      ? 
_atom_sites.fract_transf_matrix[1][1]   -0.16580740 
_atom_sites.fract_transf_matrix[1][2]   -0.09377735 
_atom_sites.fract_transf_matrix[1][3]   -0.10354156 
_atom_sites.fract_transf_matrix[2][1]   -0.01369215 
_atom_sites.fract_transf_matrix[2][2]   0.01401270 
_atom_sites.fract_transf_matrix[2][3]   0.00923480 
_atom_sites.fract_transf_matrix[3][1]   -0.00548430 
_atom_sites.fract_transf_matrix[3][2]   0.05087014 
_atom_sites.fract_transf_matrix[3][3]   -0.08532067 
_atom_sites.fract_transf_vector[1]      -0.294220 
_atom_sites.fract_transf_vector[2]      -0.009437 
_atom_sites.fract_transf_vector[3]      -0.076491 
_atom_sites.solution_primary            ? 
_atom_sites.solution_secondary          ? 
_atom_sites.solution_hydrogens          ? 
_atom_sites.special_details             ? 
# 
loop_
_atom_type.symbol 
_atom_type.pdbx_scat_Z 
_atom_type.pdbx_N_electrons 
_atom_type.scat_Cromer_Mann_a1 
_atom_type.scat_Cromer_Mann_b1 
_atom_type.scat_Cromer_Mann_a2 
_atom_type.scat_Cromer_Mann_b2 
_atom_type.scat_Cromer_Mann_a3 
_atom_type.scat_Cromer_Mann_b3 
_atom_type.scat_Cromer_Mann_a4 
_atom_type.scat_Cromer_Mann_b4 
_atom_type.scat_Cromer_Mann_c 
C 6  6  2.310  20.844 1.020 10.208 1.589 0.569  0.865 51.651 0.216   
H 1  1  0.493  10.511 0.323 26.126 0.140 3.142  0.041 57.800 0.003   
N 7  7  12.222 0.006  3.135 9.893  2.014 28.997 1.167 0.583  -11.538 
O 8  8  3.049  13.277 2.287 5.701  1.546 0.324  0.867 32.909 0.251   
S 16 16 6.905  1.468  5.203 22.215 1.438 0.254  1.586 56.172 0.867   
# 
loop_
_atom_site.group_PDB 
_atom_site.id 
_atom_site.type_symbol 
_atom_site.label_atom_id 
_atom_site.label_alt_id 
_atom_site.label_comp_id 
_atom_site.label_asym_id 
_atom_site.label_entity_id 
_atom_site.label_seq_id 
_atom_site.pdbx_PDB_ins_code 
_atom_site.Cartn_x 
_atom_site.Cartn_y 
_atom_site.Cartn_z 
_atom_site.occupancy 
_atom_site.B_iso_or_equiv 
_atom_site.pdbx_formal_charge 
_atom_site.auth_seq_id 
_atom_site.auth_comp_id 
_atom_site.auth_asym_id 
_atom_site.auth_atom_id 
_atom_site.pdbx_PDB_model_num 
ATOM   1  N N   . SER A 1 1 ? -5.468 3.970  8.610  1.000 51.845 0 58  SER A N   1 
ATOM   2  C CA  . SER A 1 1 ? -4.647 2.757  8.835  1.000 43.035 0 58  SER A CA  1 
ATOM   3  C C   . SER A 1 1 ? -4.580 1.963  7.528  1.000 35.530 0 58  SER A C   1 
ATOM   4  O O   . SER A 1 1 ? -5.111 0.818  7.479  1.000 38.522 0 58  SER A O   1 
ATOM   5  C CB  . SER A 1 1 ? -5.186 1.960  9.997  1.000 45.126 0 58  SER A CB  1 
ATOM   6  O OG  . SER A 1 1 ? -4.912 2.629  11.223 1.000 48.025 0 58  SER A OG  1 
ATOM   7  N N   . GLY A 1 2 ? -3.958 2.577  6.515  1.000 24.742 0 59  GLY A N   1 
ATOM   8  C CA  . GLY A 1 2 ? -3.906 2.077  5.130  1.000 19.871 0 59  GLY A CA  1 
ATOM   9  C C   . GLY A 1 2 ? -2.491 1.752  4.682  1.000 17.639 0 59  GLY A C   1 
ATOM   10 O O   . GLY A 1 2 ? -1.537 2.410  5.150  1.000 13.920 0 59  GLY A O   1 
ATOM   11 N N   . MET A 1 3 ? -2.330 0.779  3.780  1.000 18.301 0 60  MET A N   1 
ATOM   12 C CA  . MET A 1 3 ? -1.016 0.525  3.126  1.000 16.108 0 60  MET A CA  1 
ATOM   13 C C   . MET A 1 3 ? -1.205 0.110  1.678  1.000 12.510 0 60  MET A C   1 
ATOM   14 O O   . MET A 1 3 ? -2.143 -0.676 1.344  1.000 12.439 0 60  MET A O   1 
ATOM   15 C CB  . MET A 1 3 ? -0.186 -0.538 3.848  1.000 20.040 0 60  MET A CB  1 
ATOM   16 C CG  . MET A 1 3 ? -0.994 -1.532 4.584  1.000 20.465 0 60  MET A CG  1 
ATOM   17 S SD  . MET A 1 3 ? 0.150  -2.560 5.487  1.000 34.850 0 60  MET A SD  1 
ATOM   18 C CE  . MET A 1 3 ? 0.325  -3.886 4.304  1.000 27.429 0 60  MET A CE  1 
ATOM   19 N N   . GLY A 1 4 ? -0.341 0.668  0.846  1.000 12.601 0 61  GLY A N   1 
ATOM   20 C CA  . GLY A 1 4 ? -0.383 0.478  -0.615 1.000 12.960 0 61  GLY A CA  1 
ATOM   21 C C   . GLY A 1 4 ? 0.957  0.066  -1.168 1.000 8.888  0 61  GLY A C   1 
ATOM   22 O O   . GLY A 1 4 ? 1.975  0.708  -0.821 1.000 7.438  0 61  GLY A O   1 
ATOM   23 N N   . CYS A 1 5 ? 0.965  -0.942 -2.026 1.000 13.148 0 62  CYS A N   1 
ATOM   24 C CA  . CYS A 1 5 ? 2.177  -1.411 -2.751 1.000 20.753 0 62  CYS A CA  1 
ATOM   25 C C   . CYS A 1 5 ? 1.906  -1.469 -4.252 1.000 15.301 0 62  CYS A C   1 
ATOM   26 O O   . CYS A 1 5 ? 1.021  -2.248 -4.704 1.000 13.129 0 62  CYS A O   1 
ATOM   27 C CB  . CYS A 1 5 ? 2.632  -2.786 -2.273 1.000 24.190 0 62  CYS A CB  1 
ATOM   28 S SG  . CYS A 1 5 ? 4.174  -3.311 -3.068 1.000 60.838 0 62  CYS A SG  1 
ATOM   29 N N   . ILE A 1 6 ? 2.642  -0.674 -5.008 1.000 14.740 0 63  ILE A N   1 
ATOM   30 C CA  . ILE A 1 6 ? 2.642  -0.790 -6.490 1.000 15.923 0 63  ILE A CA  1 
ATOM   31 C C   . ILE A 1 6 ? 3.962  -1.468 -6.875 1.000 15.595 0 63  ILE A C   1 
ATOM   32 O O   . ILE A 1 6 ? 5.019  -0.821 -6.791 1.000 17.976 0 63  ILE A O   1 
ATOM   33 C CB  . ILE A 1 6 ? 2.391  0.587  -7.133 1.000 15.257 0 63  ILE A CB  1 
ATOM   34 C CG1 . ILE A 1 6 ? 1.023  1.165  -6.744 1.000 19.312 0 63  ILE A CG1 1 
ATOM   35 C CG2 . ILE A 1 6 ? 2.529  0.493  -8.639 1.000 20.714 0 63  ILE A CG2 1 
ATOM   36 C CD1 . ILE A 1 6 ? 0.708  2.521  -7.356 1.000 19.569 0 63  ILE A CD1 1 
ATOM   37 N N   . THR A 1 7 ? 3.926  -2.767 -7.178 1.000 22.477 0 64  THR A N   1 
ATOM   38 C CA  . THR A 1 7 ? 5.134  -3.637 -7.236 1.000 32.875 0 64  THR A CA  1 
ATOM   39 C C   . THR A 1 7 ? 5.609  -3.804 -8.669 1.000 30.762 0 64  THR A C   1 
ATOM   40 O O   . THR A 1 7 ? 5.111  -4.707 -9.315 1.000 29.267 0 64  THR A O   1 
ATOM   41 C CB  . THR A 1 7 ? 4.870  -5.031 -6.671 1.000 42.802 0 64  THR A CB  1 
ATOM   42 O OG1 . THR A 1 7 ? 4.296  -4.853 -5.374 1.000 73.724 0 64  THR A OG1 1 
ATOM   43 C CG2 . THR A 1 7 ? 6.131  -5.865 -6.583 1.000 51.289 0 64  THR A CG2 1 
ATOM   44 O OXT . THR A 1 7 ? 6.464  -3.071 -9.147 1.000 49.341 0 64  THR A OXT 1 
HETATM 45 C C1  . IPA B 2 . ? -3.477 -2.954 8.930  0.500 13.466 0 101 IPA A C1  1 
HETATM 46 C C2  . IPA B 2 . ? -4.157 -3.840 7.941  0.500 13.303 0 101 IPA A C2  1 
HETATM 47 C C3  . IPA B 2 . ? -5.450 -4.461 8.359  0.500 13.023 0 101 IPA A C3  1 
HETATM 48 O O2  . IPA B 2 . ? -4.345 -3.105 6.736  0.500 17.086 0 101 IPA A O2  1 
HETATM 49 O O   . HOH C 3 . ? -7.337 1.572  12.365 1.000 28.181 0 201 HOH A O   1 
# 
